data_7CO6
#
_entry.id   7CO6
#
_cell.length_a   60.180
_cell.length_b   62.590
_cell.length_c   117.790
_cell.angle_alpha   90.000
_cell.angle_beta   90.000
_cell.angle_gamma   90.000
#
_symmetry.space_group_name_H-M   'P 21 21 21'
#
loop_
_entity.id
_entity.type
_entity.pdbx_description
1 polymer 'DNA-directed DNA/RNA polymerase mu'
2 polymer "DNA (5'-D(*CP*GP*GP*CP*TP*TP*AP*CP*G)-3')"
3 polymer "DNA (5'-D(*CP*GP*TP*A)-3')"
4 polymer "DNA (5'-D(P*GP*CP*CP*G)-3')"
5 non-polymer GLYCEROL
6 non-polymer 'POTASSIUM ION'
7 non-polymer 'CHLORIDE ION'
8 water water
#
loop_
_entity_poly.entity_id
_entity_poly.type
_entity_poly.pdbx_seq_one_letter_code
_entity_poly.pdbx_strand_id
1 'polypeptide(L)'
;MLPKRRRARVGSPSGDAASSTPPSTRFPGVAIYLVEPRMGRSRRAFLTGLARSKGFRVLDACSSEATHVVMEETSAEEAV
SWQERRMAAAPPGCTPPALLDISWLTESLGAGQPVPVECRHRLEVAGPRKGPLSPAWMPAYACQRPTPLTHHNTGLSEAL
EILAEAAGFEGSEGRLLTFCRAASVLKALPSPVTTLSQLQGLPHFGEHSSRVVQELLEHGVCEEVERVRRSERYQTMKLF
TQIFGVGVKTADRWYREGLRTLDDLREQPQKLTQQQKAGLQHHQDLSTPVLRSDVDALQQVVEEAVGQALPGATVTLTGG
FRRGKLQGHDVDFLITHPKEGQEAGLLPRVMCRLQDQGLILYHQHQHSCCESPTRLAQQSHMDAFERSFCIFRLPQPGSW
KAVRVDLVVAPVSQFPFALLGWTGSKLFQRELRRFSRKEKGLWLNSHGLFDPEQKTFFQAASEEDIFRHLGLEYLPPEQR
NA
;
A
2 'polydeoxyribonucleotide' (DC)(DG)(DG)(DC)(DT)(DT)(DA)(DC)(DG) T
3 'polydeoxyribonucleotide' (DC)(DG)(DT)(DA) P
4 'polydeoxyribonucleotide' (DG)(DC)(DC)(DG) D
#
# COMPACT_ATOMS: atom_id res chain seq x y z
N MET A 138 2.57 -0.69 -25.89
CA MET A 138 2.50 -0.72 -24.44
C MET A 138 1.28 -1.52 -23.95
N PRO A 139 1.52 -2.54 -23.13
CA PRO A 139 0.43 -3.43 -22.71
C PRO A 139 -0.50 -2.76 -21.70
N ALA A 140 -1.72 -3.31 -21.60
CA ALA A 140 -2.81 -2.66 -20.89
C ALA A 140 -2.77 -2.87 -19.38
N TYR A 141 -2.16 -3.95 -18.91
CA TYR A 141 -2.08 -4.23 -17.48
C TYR A 141 -0.74 -3.76 -16.93
N ALA A 142 -0.77 -3.21 -15.72
CA ALA A 142 0.46 -2.74 -15.09
C ALA A 142 1.39 -3.88 -14.73
N CYS A 143 0.87 -5.09 -14.56
CA CYS A 143 1.72 -6.24 -14.24
C CYS A 143 2.45 -6.80 -15.46
N GLN A 144 2.22 -6.23 -16.64
CA GLN A 144 2.85 -6.67 -17.88
C GLN A 144 4.01 -5.78 -18.29
N ARG A 145 4.28 -4.72 -17.55
CA ARG A 145 5.31 -3.76 -17.89
C ARG A 145 6.13 -3.44 -16.65
N PRO A 146 7.44 -3.31 -16.78
CA PRO A 146 8.23 -2.86 -15.63
C PRO A 146 7.95 -1.41 -15.32
N THR A 147 7.81 -1.10 -14.04
CA THR A 147 7.61 0.27 -13.58
C THR A 147 8.66 0.56 -12.52
N PRO A 148 9.68 1.35 -12.83
CA PRO A 148 10.78 1.56 -11.88
C PRO A 148 10.45 2.65 -10.87
N LEU A 149 11.31 2.75 -9.86
CA LEU A 149 11.20 3.82 -8.87
C LEU A 149 11.32 5.19 -9.52
N THR A 150 12.32 5.37 -10.37
CA THR A 150 12.59 6.65 -11.01
C THR A 150 12.01 6.65 -12.41
N HIS A 151 11.22 7.67 -12.73
CA HIS A 151 10.57 7.76 -14.04
C HIS A 151 10.61 9.20 -14.50
N HIS A 152 10.08 9.44 -15.70
CA HIS A 152 10.37 10.64 -16.46
C HIS A 152 9.19 11.59 -16.64
N ASN A 153 8.03 11.30 -16.06
CA ASN A 153 6.84 12.11 -16.29
C ASN A 153 6.13 12.43 -14.98
N THR A 154 6.91 12.85 -13.98
CA THR A 154 6.36 13.04 -12.63
C THR A 154 5.27 14.11 -12.62
N GLY A 155 5.50 15.22 -13.33
CA GLY A 155 4.49 16.28 -13.34
C GLY A 155 3.17 15.83 -13.94
N LEU A 156 3.22 15.09 -15.04
CA LEU A 156 1.99 14.59 -15.64
C LEU A 156 1.36 13.51 -14.77
N SER A 157 2.18 12.63 -14.20
CA SER A 157 1.65 11.58 -13.33
C SER A 157 0.99 12.15 -12.08
N GLU A 158 1.61 13.15 -11.47
CA GLU A 158 1.07 13.70 -10.22
C GLU A 158 -0.27 14.39 -10.46
N ALA A 159 -0.43 15.05 -11.61
CA ALA A 159 -1.70 15.72 -11.89
C ALA A 159 -2.82 14.70 -12.08
N LEU A 160 -2.57 13.64 -12.82
CA LEU A 160 -3.57 12.59 -12.98
C LEU A 160 -3.90 11.92 -11.65
N GLU A 161 -2.90 11.76 -10.78
CA GLU A 161 -3.16 11.17 -9.48
C GLU A 161 -3.93 12.09 -8.57
N ILE A 162 -3.82 13.42 -8.75
CA ILE A 162 -4.73 14.34 -8.07
C ILE A 162 -6.17 14.06 -8.49
N LEU A 163 -6.41 13.94 -9.80
CA LEU A 163 -7.77 13.65 -10.26
C LEU A 163 -8.24 12.29 -9.79
N ALA A 164 -7.33 11.32 -9.70
CA ALA A 164 -7.70 9.99 -9.19
C ALA A 164 -8.15 10.08 -7.73
N GLU A 165 -7.35 10.77 -6.91
CA GLU A 165 -7.70 10.96 -5.51
C GLU A 165 -9.06 11.63 -5.37
N ALA A 166 -9.28 12.70 -6.14
CA ALA A 166 -10.55 13.43 -6.06
C ALA A 166 -11.72 12.56 -6.48
N ALA A 167 -11.53 11.72 -7.51
CA ALA A 167 -12.57 10.77 -7.88
C ALA A 167 -12.91 9.84 -6.73
N GLY A 168 -11.90 9.34 -6.04
CA GLY A 168 -12.15 8.52 -4.87
C GLY A 168 -12.91 9.25 -3.79
N PHE A 169 -12.54 10.52 -3.54
CA PHE A 169 -13.24 11.31 -2.52
C PHE A 169 -14.71 11.48 -2.86
N GLU A 170 -15.06 11.50 -4.14
CA GLU A 170 -16.45 11.63 -4.55
C GLU A 170 -17.12 10.28 -4.80
N GLY A 171 -16.47 9.18 -4.43
CA GLY A 171 -17.09 7.87 -4.53
C GLY A 171 -17.09 7.25 -5.90
N SER A 172 -16.26 7.74 -6.83
CA SER A 172 -16.17 7.17 -8.17
C SER A 172 -14.93 6.29 -8.25
N GLU A 173 -15.09 5.05 -7.82
CA GLU A 173 -13.94 4.14 -7.81
C GLU A 173 -13.50 3.77 -9.22
N GLY A 174 -14.43 3.79 -10.18
CA GLY A 174 -14.05 3.52 -11.56
C GLY A 174 -13.17 4.62 -12.12
N ARG A 175 -13.57 5.88 -11.91
CA ARG A 175 -12.76 6.99 -12.40
C ARG A 175 -11.40 7.03 -11.73
N LEU A 176 -11.35 6.75 -10.42
CA LEU A 176 -10.07 6.68 -9.72
C LEU A 176 -9.14 5.69 -10.41
N LEU A 177 -9.67 4.51 -10.75
CA LEU A 177 -8.84 3.47 -11.33
C LEU A 177 -8.26 3.90 -12.67
N THR A 178 -9.10 4.47 -13.54
CA THR A 178 -8.62 4.90 -14.84
C THR A 178 -7.53 5.96 -14.72
N PHE A 179 -7.74 6.95 -13.84
CA PHE A 179 -6.73 7.98 -13.67
C PHE A 179 -5.45 7.40 -13.07
N CYS A 180 -5.58 6.47 -12.12
CA CYS A 180 -4.39 5.80 -11.59
C CYS A 180 -3.67 4.99 -12.66
N ARG A 181 -4.43 4.30 -13.51
CA ARG A 181 -3.82 3.49 -14.56
C ARG A 181 -3.12 4.35 -15.61
N ALA A 182 -3.74 5.48 -15.97
CA ALA A 182 -3.11 6.40 -16.92
C ALA A 182 -1.83 6.98 -16.35
N ALA A 183 -1.87 7.43 -15.08
CA ALA A 183 -0.65 7.91 -14.43
C ALA A 183 0.42 6.83 -14.39
N SER A 184 0.02 5.58 -14.17
CA SER A 184 0.98 4.48 -14.15
C SER A 184 1.61 4.25 -15.51
N VAL A 185 0.82 4.37 -16.58
CA VAL A 185 1.35 4.23 -17.93
C VAL A 185 2.48 5.22 -18.17
N LEU A 186 2.29 6.46 -17.72
CA LEU A 186 3.32 7.47 -17.91
C LEU A 186 4.59 7.11 -17.13
N LYS A 187 4.43 6.50 -15.94
CA LYS A 187 5.60 6.13 -15.14
C LYS A 187 6.45 5.06 -15.83
N ALA A 188 5.85 4.29 -16.73
CA ALA A 188 6.58 3.22 -17.40
C ALA A 188 7.25 3.65 -18.70
N LEU A 189 7.00 4.88 -19.14
CA LEU A 189 7.58 5.35 -20.39
C LEU A 189 9.08 5.63 -20.20
N PRO A 190 9.89 5.37 -21.23
CA PRO A 190 11.33 5.62 -21.10
C PRO A 190 11.74 7.07 -21.22
N SER A 191 10.90 7.92 -21.81
CA SER A 191 11.25 9.30 -22.10
C SER A 191 10.14 10.23 -21.64
N PRO A 192 10.44 11.51 -21.45
CA PRO A 192 9.38 12.47 -21.15
C PRO A 192 8.44 12.63 -22.33
N VAL A 193 7.14 12.72 -22.01
CA VAL A 193 6.14 13.07 -23.02
C VAL A 193 6.22 14.57 -23.26
N THR A 194 6.49 14.95 -24.50
CA THR A 194 6.59 16.36 -24.88
C THR A 194 5.50 16.80 -25.86
N THR A 195 4.91 15.88 -26.62
CA THR A 195 3.88 16.22 -27.59
C THR A 195 2.68 15.29 -27.42
N LEU A 196 1.50 15.82 -27.75
CA LEU A 196 0.26 15.06 -27.59
C LEU A 196 0.27 13.78 -28.41
N SER A 197 1.00 13.77 -29.53
CA SER A 197 1.01 12.59 -30.39
C SER A 197 1.58 11.37 -29.70
N GLN A 198 2.43 11.56 -28.67
CA GLN A 198 3.02 10.44 -27.96
C GLN A 198 2.00 9.64 -27.17
N LEU A 199 0.83 10.23 -26.86
CA LEU A 199 -0.20 9.51 -26.14
C LEU A 199 -0.96 8.50 -27.00
N GLN A 200 -0.84 8.60 -28.32
CA GLN A 200 -1.49 7.63 -29.20
C GLN A 200 -0.91 6.24 -28.96
N GLY A 201 -1.79 5.24 -28.97
CA GLY A 201 -1.33 3.90 -28.69
C GLY A 201 -1.04 3.61 -27.24
N LEU A 202 -1.32 4.55 -26.34
CA LEU A 202 -1.17 4.19 -24.94
C LEU A 202 -2.51 3.75 -24.35
N PRO A 203 -2.53 2.68 -23.57
CA PRO A 203 -3.78 2.27 -22.93
C PRO A 203 -4.19 3.25 -21.85
N HIS A 204 -5.50 3.30 -21.61
CA HIS A 204 -6.14 4.06 -20.54
C HIS A 204 -6.07 5.57 -20.75
N PHE A 205 -5.59 6.03 -21.91
CA PHE A 205 -5.67 7.44 -22.27
C PHE A 205 -6.83 7.64 -23.22
N GLY A 206 -7.72 8.57 -22.86
CA GLY A 206 -8.86 8.91 -23.67
C GLY A 206 -9.05 10.41 -23.68
N GLU A 207 -10.27 10.88 -23.95
CA GLU A 207 -10.49 12.32 -24.10
C GLU A 207 -10.10 13.09 -22.84
N HIS A 208 -10.53 12.62 -21.68
CA HIS A 208 -10.33 13.39 -20.45
C HIS A 208 -8.86 13.41 -20.04
N SER A 209 -8.22 12.23 -19.96
CA SER A 209 -6.83 12.19 -19.56
C SER A 209 -5.91 12.86 -20.58
N SER A 210 -6.26 12.80 -21.87
CA SER A 210 -5.44 13.48 -22.87
C SER A 210 -5.57 14.99 -22.76
N ARG A 211 -6.77 15.49 -22.44
CA ARG A 211 -6.93 16.93 -22.25
C ARG A 211 -6.08 17.43 -21.09
N VAL A 212 -5.99 16.63 -20.02
CA VAL A 212 -5.17 17.02 -18.87
C VAL A 212 -3.70 17.12 -19.27
N VAL A 213 -3.19 16.12 -19.98
CA VAL A 213 -1.81 16.17 -20.46
C VAL A 213 -1.64 17.34 -21.43
N GLN A 214 -2.62 17.56 -22.30
CA GLN A 214 -2.53 18.63 -23.29
C GLN A 214 -2.40 19.99 -22.62
N GLU A 215 -3.23 20.27 -21.61
CA GLU A 215 -3.12 21.54 -20.89
C GLU A 215 -1.76 21.69 -20.23
N LEU A 216 -1.23 20.60 -19.64
CA LEU A 216 0.04 20.67 -18.95
C LEU A 216 1.19 20.91 -19.94
N LEU A 217 1.11 20.30 -21.12
CA LEU A 217 2.15 20.53 -22.13
C LEU A 217 2.11 21.98 -22.64
N GLU A 218 0.91 22.53 -22.82
CA GLU A 218 0.78 23.85 -23.43
C GLU A 218 1.04 24.97 -22.43
N HIS A 219 0.53 24.84 -21.21
CA HIS A 219 0.53 25.96 -20.26
C HIS A 219 1.20 25.64 -18.94
N GLY A 220 1.64 24.41 -18.71
CA GLY A 220 2.29 24.05 -17.47
C GLY A 220 1.37 23.77 -16.30
N VAL A 221 0.08 24.11 -16.41
CA VAL A 221 -0.90 23.80 -15.39
C VAL A 221 -2.20 23.41 -16.06
N CYS A 222 -3.01 22.63 -15.35
CA CYS A 222 -4.33 22.20 -15.81
C CYS A 222 -5.37 22.82 -14.89
N GLU A 223 -6.32 23.54 -15.47
CA GLU A 223 -7.26 24.30 -14.63
C GLU A 223 -8.11 23.38 -13.77
N GLU A 224 -8.54 22.24 -14.32
CA GLU A 224 -9.31 21.29 -13.53
C GLU A 224 -8.50 20.82 -12.32
N VAL A 225 -7.24 20.45 -12.54
CA VAL A 225 -6.40 19.98 -11.44
C VAL A 225 -6.24 21.06 -10.38
N GLU A 226 -6.00 22.30 -10.82
CA GLU A 226 -5.77 23.39 -9.87
C GLU A 226 -7.03 23.72 -9.10
N ARG A 227 -8.20 23.64 -9.74
CA ARG A 227 -9.45 23.87 -9.03
C ARG A 227 -9.68 22.80 -7.96
N VAL A 228 -9.32 21.55 -8.27
CA VAL A 228 -9.45 20.48 -7.28
C VAL A 228 -8.55 20.74 -6.08
N ARG A 229 -7.25 20.96 -6.32
CA ARG A 229 -6.31 21.00 -5.20
C ARG A 229 -6.53 22.24 -4.33
N ARG A 230 -7.14 23.28 -4.88
CA ARG A 230 -7.40 24.51 -4.10
C ARG A 230 -8.78 24.44 -3.46
N SER A 231 -9.56 23.40 -3.74
CA SER A 231 -10.89 23.31 -3.19
C SER A 231 -10.85 22.89 -1.73
N GLU A 232 -11.75 23.44 -0.93
CA GLU A 232 -11.82 23.08 0.48
C GLU A 232 -12.20 21.62 0.65
N ARG A 233 -13.07 21.11 -0.21
CA ARG A 233 -13.46 19.71 -0.15
C ARG A 233 -12.25 18.79 -0.30
N TYR A 234 -11.43 19.03 -1.33
CA TYR A 234 -10.27 18.16 -1.55
C TYR A 234 -9.27 18.27 -0.40
N GLN A 235 -8.98 19.48 0.04
CA GLN A 235 -7.98 19.66 1.09
C GLN A 235 -8.44 19.03 2.40
N THR A 236 -9.73 19.11 2.72
CA THR A 236 -10.20 18.50 3.95
C THR A 236 -10.27 16.98 3.84
N MET A 237 -10.74 16.47 2.70
CA MET A 237 -10.78 15.02 2.51
C MET A 237 -9.37 14.42 2.49
N LYS A 238 -8.41 15.11 1.89
CA LYS A 238 -7.04 14.62 1.94
C LYS A 238 -6.51 14.65 3.36
N LEU A 239 -6.87 15.69 4.12
CA LEU A 239 -6.42 15.80 5.51
C LEU A 239 -6.97 14.66 6.35
N PHE A 240 -8.27 14.38 6.23
CA PHE A 240 -8.90 13.39 7.09
C PHE A 240 -8.53 11.96 6.67
N THR A 241 -8.48 11.69 5.36
CA THR A 241 -8.18 10.33 4.92
C THR A 241 -6.73 9.93 5.16
N GLN A 242 -5.90 10.90 5.53
CA GLN A 242 -4.47 10.61 5.83
C GLN A 242 -4.33 10.20 7.30
N ILE A 243 -5.43 10.23 8.06
CA ILE A 243 -5.40 9.76 9.44
C ILE A 243 -5.56 8.25 9.47
N PHE A 244 -4.71 7.58 10.23
CA PHE A 244 -4.84 6.14 10.45
C PHE A 244 -6.19 5.84 11.10
N GLY A 245 -6.97 4.97 10.46
CA GLY A 245 -8.31 4.66 10.92
C GLY A 245 -9.43 5.39 10.20
N VAL A 246 -9.12 6.30 9.28
CA VAL A 246 -10.12 7.12 8.59
C VAL A 246 -10.03 6.85 7.10
N GLY A 247 -11.14 6.41 6.50
CA GLY A 247 -11.24 6.28 5.07
C GLY A 247 -12.16 7.33 4.45
N VAL A 248 -12.45 7.13 3.17
CA VAL A 248 -13.27 8.11 2.43
C VAL A 248 -14.64 8.27 3.08
N LYS A 249 -15.30 7.16 3.41
CA LYS A 249 -16.66 7.26 3.91
C LYS A 249 -16.72 7.95 5.27
N THR A 250 -15.75 7.67 6.15
CA THR A 250 -15.70 8.38 7.43
C THR A 250 -15.41 9.86 7.22
N ALA A 251 -14.40 10.17 6.40
CA ALA A 251 -14.03 11.56 6.17
C ALA A 251 -15.17 12.34 5.53
N ASP A 252 -15.90 11.71 4.61
CA ASP A 252 -17.03 12.38 3.97
C ASP A 252 -18.14 12.70 4.98
N ARG A 253 -18.41 11.78 5.91
CA ARG A 253 -19.42 12.06 6.93
C ARG A 253 -19.00 13.24 7.79
N TRP A 254 -17.73 13.26 8.22
CA TRP A 254 -17.24 14.37 9.04
C TRP A 254 -17.28 15.68 8.27
N TYR A 255 -16.98 15.64 6.97
CA TYR A 255 -17.02 16.85 6.16
C TYR A 255 -18.44 17.39 6.08
N ARG A 256 -19.41 16.51 5.81
CA ARG A 256 -20.80 16.94 5.75
C ARG A 256 -21.28 17.48 7.10
N GLU A 257 -20.67 17.07 8.19
CA GLU A 257 -21.01 17.60 9.50
C GLU A 257 -20.30 18.90 9.81
N GLY A 258 -19.56 19.45 8.86
CA GLY A 258 -18.93 20.75 9.02
C GLY A 258 -17.53 20.75 9.59
N LEU A 259 -16.99 19.58 9.93
CA LEU A 259 -15.63 19.52 10.46
C LEU A 259 -14.61 19.77 9.35
N ARG A 260 -13.56 20.52 9.67
CA ARG A 260 -12.57 20.92 8.67
C ARG A 260 -11.12 20.71 9.09
N THR A 261 -10.82 20.63 10.39
CA THR A 261 -9.44 20.54 10.85
C THR A 261 -9.30 19.38 11.83
N LEU A 262 -8.05 19.01 12.10
CA LEU A 262 -7.78 17.96 13.08
C LEU A 262 -8.22 18.37 14.48
N ASP A 263 -8.09 19.65 14.82
CA ASP A 263 -8.53 20.11 16.13
C ASP A 263 -10.05 20.01 16.27
N ASP A 264 -10.78 20.20 15.17
CA ASP A 264 -12.22 19.93 15.20
C ASP A 264 -12.50 18.50 15.63
N LEU A 265 -11.68 17.56 15.14
CA LEU A 265 -11.87 16.16 15.50
C LEU A 265 -11.50 15.91 16.95
N ARG A 266 -10.36 16.47 17.40
CA ARG A 266 -9.94 16.28 18.78
C ARG A 266 -10.97 16.83 19.76
N GLU A 267 -11.77 17.80 19.34
CA GLU A 267 -12.83 18.37 20.15
C GLU A 267 -14.14 17.59 20.06
N GLN A 268 -14.19 16.51 19.28
CA GLN A 268 -15.36 15.64 19.19
C GLN A 268 -14.94 14.19 19.39
N PRO A 269 -14.41 13.84 20.58
CA PRO A 269 -13.88 12.49 20.77
C PRO A 269 -14.93 11.40 20.66
N GLN A 270 -16.22 11.73 20.82
CA GLN A 270 -17.26 10.72 20.70
C GLN A 270 -17.46 10.25 19.27
N LYS A 271 -16.98 11.01 18.29
CA LYS A 271 -17.06 10.63 16.88
C LYS A 271 -15.95 9.68 16.45
N LEU A 272 -15.02 9.33 17.34
CA LEU A 272 -13.81 8.61 16.97
C LEU A 272 -13.82 7.19 17.53
N THR A 273 -13.49 6.23 16.68
CA THR A 273 -13.16 4.90 17.16
C THR A 273 -11.82 4.95 17.91
N GLN A 274 -11.54 3.87 18.65
CA GLN A 274 -10.25 3.76 19.31
C GLN A 274 -9.11 3.74 18.29
N GLN A 275 -9.35 3.14 17.13
CA GLN A 275 -8.35 3.16 16.07
C GLN A 275 -8.07 4.57 15.60
N GLN A 276 -9.13 5.37 15.43
CA GLN A 276 -8.96 6.75 14.98
C GLN A 276 -8.38 7.63 16.08
N LYS A 277 -8.71 7.36 17.35
CA LYS A 277 -8.08 8.09 18.44
C LYS A 277 -6.57 7.91 18.41
N ALA A 278 -6.11 6.69 18.12
CA ALA A 278 -4.68 6.44 18.04
C ALA A 278 -4.07 7.13 16.82
N GLY A 279 -4.75 7.09 15.68
CA GLY A 279 -4.25 7.77 14.51
C GLY A 279 -4.15 9.27 14.71
N LEU A 280 -5.09 9.85 15.47
CA LEU A 280 -5.05 11.28 15.74
C LEU A 280 -3.99 11.61 16.79
N GLN A 281 -3.89 10.79 17.84
CA GLN A 281 -2.94 11.07 18.91
C GLN A 281 -1.50 11.06 18.40
N HIS A 282 -1.20 10.20 17.43
CA HIS A 282 0.14 10.04 16.90
C HIS A 282 0.29 10.64 15.50
N HIS A 283 -0.61 11.56 15.13
CA HIS A 283 -0.68 12.00 13.74
C HIS A 283 0.61 12.65 13.27
N GLN A 284 1.22 13.50 14.10
CA GLN A 284 2.43 14.19 13.66
C GLN A 284 3.56 13.20 13.37
N ASP A 285 3.80 12.26 14.28
CA ASP A 285 4.82 11.24 14.06
C ASP A 285 4.49 10.39 12.83
N LEU A 286 3.22 10.01 12.67
CA LEU A 286 2.83 9.13 11.57
C LEU A 286 2.88 9.83 10.22
N SER A 287 2.88 11.16 10.20
CA SER A 287 3.07 11.89 8.95
C SER A 287 4.54 12.18 8.68
N THR A 288 5.43 11.86 9.60
CA THR A 288 6.87 11.98 9.35
C THR A 288 7.34 10.77 8.55
N PRO A 289 7.97 10.97 7.40
CA PRO A 289 8.37 9.83 6.56
C PRO A 289 9.31 8.88 7.29
N VAL A 290 9.05 7.59 7.13
CA VAL A 290 9.90 6.55 7.71
C VAL A 290 11.08 6.32 6.77
N LEU A 291 12.29 6.28 7.33
CA LEU A 291 13.52 6.16 6.54
C LEU A 291 14.11 4.76 6.69
N ARG A 292 15.05 4.45 5.79
CA ARG A 292 15.72 3.15 5.81
C ARG A 292 16.39 2.88 7.15
N SER A 293 16.99 3.90 7.76
CA SER A 293 17.61 3.72 9.07
C SER A 293 16.60 3.22 10.10
N ASP A 294 15.38 3.74 10.06
CA ASP A 294 14.33 3.26 10.96
C ASP A 294 14.00 1.80 10.68
N VAL A 295 13.96 1.43 9.39
CA VAL A 295 13.59 0.07 9.00
C VAL A 295 14.55 -0.93 9.61
N ASP A 296 15.86 -0.65 9.53
CA ASP A 296 16.86 -1.59 10.03
C ASP A 296 16.77 -1.76 11.54
N ALA A 297 16.56 -0.66 12.26
CA ALA A 297 16.35 -0.76 13.70
C ALA A 297 15.09 -1.55 14.02
N LEU A 298 14.01 -1.32 13.26
CA LEU A 298 12.77 -2.03 13.49
C LEU A 298 12.90 -3.52 13.20
N GLN A 299 13.56 -3.88 12.09
CA GLN A 299 13.70 -5.29 11.75
C GLN A 299 14.46 -6.02 12.84
N GLN A 300 15.42 -5.33 13.47
CA GLN A 300 16.21 -5.93 14.56
C GLN A 300 15.28 -6.32 15.71
N VAL A 301 14.45 -5.39 16.18
CA VAL A 301 13.61 -5.70 17.34
C VAL A 301 12.51 -6.67 16.96
N VAL A 302 12.00 -6.63 15.72
CA VAL A 302 11.03 -7.63 15.30
C VAL A 302 11.67 -9.01 15.25
N GLU A 303 12.88 -9.11 14.72
CA GLU A 303 13.55 -10.40 14.66
C GLU A 303 13.82 -10.96 16.04
N GLU A 304 14.12 -10.09 16.99
CA GLU A 304 14.37 -10.51 18.40
C GLU A 304 13.10 -11.14 18.96
N ALA A 305 11.97 -10.43 18.84
CA ALA A 305 10.69 -10.91 19.37
C ALA A 305 10.25 -12.18 18.67
N VAL A 306 10.38 -12.22 17.35
CA VAL A 306 10.03 -13.43 16.60
C VAL A 306 10.91 -14.60 17.04
N GLY A 307 12.20 -14.36 17.22
CA GLY A 307 13.09 -15.42 17.68
C GLY A 307 12.75 -15.92 19.06
N GLN A 308 12.36 -15.01 19.96
CA GLN A 308 11.92 -15.43 21.29
C GLN A 308 10.57 -16.13 21.25
N ALA A 309 9.74 -15.80 20.25
CA ALA A 309 8.43 -16.41 20.17
C ALA A 309 8.49 -17.81 19.56
N LEU A 310 9.39 -18.04 18.61
CA LEU A 310 9.42 -19.31 17.90
C LEU A 310 10.80 -19.53 17.29
N PRO A 311 11.58 -20.49 17.79
CA PRO A 311 12.92 -20.72 17.23
C PRO A 311 12.85 -21.07 15.75
N GLY A 312 13.76 -20.49 14.97
CA GLY A 312 13.84 -20.79 13.55
C GLY A 312 12.89 -20.02 12.67
N ALA A 313 12.02 -19.18 13.24
CA ALA A 313 11.15 -18.36 12.41
C ALA A 313 11.95 -17.22 11.77
N THR A 314 11.51 -16.78 10.60
CA THR A 314 12.23 -15.78 9.82
C THR A 314 11.36 -14.56 9.58
N VAL A 315 12.01 -13.44 9.29
CA VAL A 315 11.36 -12.14 9.09
C VAL A 315 11.83 -11.58 7.76
N THR A 316 10.89 -11.23 6.90
CA THR A 316 11.18 -10.68 5.59
C THR A 316 10.57 -9.30 5.46
N LEU A 317 11.39 -8.33 5.08
CA LEU A 317 10.89 -6.99 4.79
C LEU A 317 10.16 -7.01 3.45
N THR A 318 8.96 -6.44 3.42
N THR A 318 8.96 -6.43 3.41
CA THR A 318 8.14 -6.40 2.22
CA THR A 318 8.17 -6.41 2.19
C THR A 318 7.75 -4.95 1.95
C THR A 318 7.73 -4.96 1.99
N GLY A 319 6.61 -4.75 1.29
CA GLY A 319 6.12 -3.41 1.07
C GLY A 319 7.04 -2.55 0.20
N GLY A 320 6.83 -1.23 0.31
CA GLY A 320 7.59 -0.29 -0.51
C GLY A 320 9.10 -0.39 -0.33
N PHE A 321 9.56 -0.69 0.88
CA PHE A 321 11.00 -0.76 1.08
C PHE A 321 11.62 -1.94 0.33
N ARG A 322 10.90 -3.05 0.20
CA ARG A 322 11.39 -4.13 -0.64
C ARG A 322 11.45 -3.72 -2.11
N ARG A 323 10.53 -2.84 -2.54
CA ARG A 323 10.56 -2.34 -3.91
C ARG A 323 11.66 -1.31 -4.14
N GLY A 324 12.44 -0.96 -3.12
CA GLY A 324 13.53 -0.02 -3.28
C GLY A 324 13.26 1.38 -2.82
N LYS A 325 12.05 1.67 -2.34
CA LYS A 325 11.75 3.01 -1.85
C LYS A 325 12.64 3.34 -0.66
N LEU A 326 13.00 4.62 -0.55
CA LEU A 326 13.84 5.08 0.55
C LEU A 326 13.04 5.76 1.65
N GLN A 327 11.76 6.02 1.42
CA GLN A 327 10.84 6.54 2.42
C GLN A 327 9.56 5.71 2.37
N GLY A 328 8.75 5.86 3.40
CA GLY A 328 7.45 5.23 3.44
C GLY A 328 6.65 5.76 4.60
N HIS A 329 5.38 5.39 4.63
CA HIS A 329 4.52 5.74 5.76
C HIS A 329 4.37 4.59 6.74
N ASP A 330 4.81 3.39 6.37
CA ASP A 330 4.80 2.27 7.29
C ASP A 330 5.90 1.29 6.90
N VAL A 331 6.07 0.26 7.72
CA VAL A 331 7.06 -0.79 7.50
C VAL A 331 6.33 -2.13 7.58
N ASP A 332 6.51 -2.97 6.56
CA ASP A 332 5.81 -4.24 6.46
C ASP A 332 6.79 -5.39 6.65
N PHE A 333 6.43 -6.34 7.51
CA PHE A 333 7.23 -7.55 7.71
C PHE A 333 6.38 -8.79 7.53
N LEU A 334 6.94 -9.78 6.85
CA LEU A 334 6.31 -11.07 6.62
C LEU A 334 7.08 -12.12 7.40
N ILE A 335 6.37 -12.92 8.20
CA ILE A 335 6.98 -13.85 9.14
C ILE A 335 6.52 -15.25 8.81
N THR A 336 7.46 -16.21 8.78
CA THR A 336 7.09 -17.59 8.52
C THR A 336 8.06 -18.51 9.26
N HIS A 337 7.89 -19.81 9.05
CA HIS A 337 8.75 -20.82 9.64
C HIS A 337 8.91 -21.93 8.61
N PRO A 338 10.11 -22.51 8.49
CA PRO A 338 10.34 -23.53 7.45
C PRO A 338 9.46 -24.75 7.59
N LYS A 339 8.99 -25.05 8.79
CA LYS A 339 8.21 -26.25 9.07
C LYS A 339 6.73 -25.87 9.09
N GLU A 340 5.99 -26.32 8.08
CA GLU A 340 4.57 -26.01 7.96
C GLU A 340 3.83 -26.39 9.24
N GLY A 341 3.02 -25.45 9.75
CA GLY A 341 2.27 -25.62 10.96
C GLY A 341 2.88 -24.99 12.19
N GLN A 342 4.22 -24.87 12.22
CA GLN A 342 4.90 -24.28 13.37
C GLN A 342 4.45 -22.84 13.62
N GLU A 343 3.98 -22.16 12.58
CA GLU A 343 3.62 -20.75 12.69
C GLU A 343 2.23 -20.53 13.28
N ALA A 344 1.48 -21.59 13.57
CA ALA A 344 0.15 -21.43 14.15
C ALA A 344 0.25 -20.76 15.52
N GLY A 345 -0.57 -19.74 15.73
CA GLY A 345 -0.55 -19.00 16.97
C GLY A 345 0.65 -18.11 17.18
N LEU A 346 1.41 -17.80 16.12
CA LEU A 346 2.67 -17.09 16.29
C LEU A 346 2.47 -15.59 16.51
N LEU A 347 1.57 -14.96 15.76
CA LEU A 347 1.46 -13.50 15.88
C LEU A 347 1.08 -13.03 17.27
N PRO A 348 0.12 -13.64 17.98
CA PRO A 348 -0.13 -13.22 19.37
C PRO A 348 1.09 -13.33 20.27
N ARG A 349 1.88 -14.40 20.12
CA ARG A 349 3.09 -14.54 20.94
C ARG A 349 4.09 -13.44 20.61
N VAL A 350 4.19 -13.06 19.33
CA VAL A 350 5.09 -11.98 18.94
C VAL A 350 4.61 -10.65 19.51
N MET A 351 3.31 -10.38 19.41
CA MET A 351 2.78 -9.11 19.92
C MET A 351 2.98 -8.99 21.43
N CYS A 352 2.87 -10.09 22.16
CA CYS A 352 3.10 -10.06 23.60
C CYS A 352 4.56 -9.75 23.92
N ARG A 353 5.49 -10.37 23.19
CA ARG A 353 6.90 -10.06 23.38
C ARG A 353 7.18 -8.58 23.12
N LEU A 354 6.56 -8.01 22.09
CA LEU A 354 6.78 -6.60 21.78
C LEU A 354 6.16 -5.69 22.84
N GLN A 355 4.95 -6.01 23.31
CA GLN A 355 4.34 -5.22 24.37
C GLN A 355 5.20 -5.24 25.63
N ASP A 356 5.82 -6.38 25.95
CA ASP A 356 6.66 -6.49 27.13
C ASP A 356 7.91 -5.61 27.03
N GLN A 357 8.45 -5.45 25.82
CA GLN A 357 9.54 -4.51 25.61
C GLN A 357 9.05 -3.07 25.56
N GLY A 358 7.77 -2.83 25.83
CA GLY A 358 7.19 -1.50 25.78
C GLY A 358 7.11 -0.91 24.39
N LEU A 359 7.06 -1.75 23.35
CA LEU A 359 7.23 -1.29 21.98
C LEU A 359 5.93 -1.02 21.24
N ILE A 360 4.77 -1.34 21.81
CA ILE A 360 3.49 -1.22 21.10
C ILE A 360 2.70 -0.06 21.70
N LEU A 361 2.36 0.92 20.85
CA LEU A 361 1.49 2.03 21.24
C LEU A 361 0.02 1.76 20.96
N TYR A 362 -0.29 1.13 19.82
CA TYR A 362 -1.65 0.73 19.49
C TYR A 362 -1.61 -0.65 18.83
N HIS A 363 -2.55 -1.50 19.24
CA HIS A 363 -2.76 -2.78 18.58
C HIS A 363 -4.25 -3.03 18.48
N GLN A 364 -4.67 -3.57 17.33
CA GLN A 364 -6.09 -3.63 17.00
C GLN A 364 -6.78 -4.82 17.65
N HIS A 365 -6.05 -5.92 17.81
CA HIS A 365 -6.65 -7.15 18.40
C HIS A 365 -6.39 -7.19 19.91
N GLN A 366 -7.35 -7.71 20.68
CA GLN A 366 -7.17 -7.81 22.16
C GLN A 366 -6.80 -9.26 22.50
N HIS A 367 -5.62 -9.46 23.11
CA HIS A 367 -5.15 -10.81 23.48
C HIS A 367 -4.37 -10.76 24.80
N SER A 368 -4.49 -11.81 25.63
CA SER A 368 -3.72 -11.92 26.89
C SER A 368 -2.25 -11.64 26.59
N MET A 382 -13.08 -14.18 16.64
CA MET A 382 -12.09 -15.28 16.80
C MET A 382 -10.86 -14.76 17.56
N ASP A 383 -10.22 -15.63 18.36
CA ASP A 383 -9.06 -15.20 19.13
C ASP A 383 -7.78 -15.20 18.30
N ALA A 384 -7.70 -16.05 17.28
CA ALA A 384 -6.51 -16.11 16.44
C ALA A 384 -6.49 -14.93 15.48
N PHE A 385 -5.28 -14.48 15.15
CA PHE A 385 -5.12 -13.51 14.07
C PHE A 385 -3.76 -13.72 13.40
N GLU A 386 -3.67 -13.27 12.14
CA GLU A 386 -2.47 -13.43 11.34
C GLU A 386 -1.95 -12.12 10.75
N ARG A 387 -2.66 -11.02 10.94
CA ARG A 387 -2.21 -9.71 10.49
C ARG A 387 -2.37 -8.74 11.65
N SER A 388 -1.41 -7.83 11.79
CA SER A 388 -1.51 -6.77 12.80
C SER A 388 -1.00 -5.48 12.18
N PHE A 389 -1.86 -4.47 12.15
CA PHE A 389 -1.50 -3.14 11.66
C PHE A 389 -1.43 -2.28 12.91
N CYS A 390 -0.23 -2.19 13.49
CA CYS A 390 -0.07 -1.59 14.80
C CYS A 390 0.74 -0.30 14.67
N ILE A 391 0.95 0.34 15.82
CA ILE A 391 1.80 1.51 15.94
C ILE A 391 2.88 1.19 16.97
N PHE A 392 4.14 1.27 16.55
CA PHE A 392 5.30 0.96 17.38
C PHE A 392 5.82 2.21 18.07
N ARG A 393 6.34 2.03 19.29
CA ARG A 393 7.10 3.07 19.98
C ARG A 393 8.56 2.79 19.66
N LEU A 394 9.05 3.41 18.59
CA LEU A 394 10.41 3.16 18.09
C LEU A 394 11.40 3.99 18.89
N PRO A 395 12.41 3.37 19.55
CA PRO A 395 13.40 4.16 20.27
C PRO A 395 14.19 5.06 19.33
N GLN A 396 14.39 6.29 19.76
CA GLN A 396 15.23 7.30 19.14
C GLN A 396 16.26 7.78 20.16
N PRO A 397 17.31 8.51 19.72
CA PRO A 397 18.31 9.02 20.67
C PRO A 397 17.68 9.88 21.77
N GLY A 398 17.62 9.31 22.97
CA GLY A 398 17.07 10.02 24.16
C GLY A 398 15.57 10.23 24.08
N SER A 399 14.90 9.58 23.13
CA SER A 399 13.43 9.75 22.99
C SER A 399 12.83 8.59 22.18
N TRP A 400 11.65 8.80 21.61
CA TRP A 400 10.96 7.78 20.81
C TRP A 400 10.05 8.46 19.81
N LYS A 401 9.63 7.67 18.82
CA LYS A 401 8.80 8.14 17.74
C LYS A 401 7.82 7.03 17.38
N ALA A 402 6.57 7.40 17.13
CA ALA A 402 5.57 6.44 16.71
C ALA A 402 5.75 6.10 15.23
N VAL A 403 5.65 4.80 14.91
CA VAL A 403 5.85 4.31 13.55
C VAL A 403 4.80 3.24 13.26
N ARG A 404 4.13 3.37 12.13
CA ARG A 404 3.19 2.34 11.68
C ARG A 404 3.95 1.12 11.18
N VAL A 405 3.61 -0.05 11.72
CA VAL A 405 4.25 -1.31 11.36
C VAL A 405 3.15 -2.33 11.07
N ASP A 406 3.34 -3.10 10.00
CA ASP A 406 2.46 -4.21 9.66
C ASP A 406 3.22 -5.52 9.84
N LEU A 407 2.65 -6.43 10.62
CA LEU A 407 3.21 -7.76 10.80
C LEU A 407 2.21 -8.78 10.27
N VAL A 408 2.69 -9.69 9.42
CA VAL A 408 1.85 -10.71 8.79
C VAL A 408 2.53 -12.05 8.98
N VAL A 409 1.79 -13.04 9.45
CA VAL A 409 2.29 -14.40 9.55
C VAL A 409 1.67 -15.22 8.42
N ALA A 410 2.49 -16.05 7.78
CA ALA A 410 2.02 -16.93 6.72
C ALA A 410 2.68 -18.30 6.85
N PRO A 411 1.97 -19.38 6.56
CA PRO A 411 2.62 -20.69 6.47
C PRO A 411 3.58 -20.70 5.28
N VAL A 412 4.65 -21.49 5.41
CA VAL A 412 5.70 -21.46 4.39
C VAL A 412 5.17 -21.90 3.05
N SER A 413 4.14 -22.75 3.03
CA SER A 413 3.55 -23.20 1.77
C SER A 413 2.93 -22.03 1.01
N GLN A 414 2.51 -20.99 1.71
CA GLN A 414 1.90 -19.83 1.07
C GLN A 414 2.88 -18.67 0.91
N PHE A 415 4.12 -18.85 1.33
CA PHE A 415 5.06 -17.72 1.41
C PHE A 415 5.24 -16.99 0.08
N PRO A 416 5.41 -17.65 -1.07
CA PRO A 416 5.58 -16.87 -2.32
C PRO A 416 4.37 -16.01 -2.64
N PHE A 417 3.16 -16.47 -2.32
CA PHE A 417 1.96 -15.67 -2.56
C PHE A 417 1.87 -14.52 -1.58
N ALA A 418 2.24 -14.76 -0.32
CA ALA A 418 2.27 -13.69 0.65
C ALA A 418 3.33 -12.67 0.30
N LEU A 419 4.52 -13.12 -0.10
CA LEU A 419 5.58 -12.20 -0.49
C LEU A 419 5.14 -11.36 -1.68
N LEU A 420 4.53 -12.00 -2.68
CA LEU A 420 4.06 -11.28 -3.84
C LEU A 420 2.98 -10.28 -3.47
N GLY A 421 2.05 -10.71 -2.60
CA GLY A 421 0.96 -9.83 -2.22
C GLY A 421 1.43 -8.60 -1.46
N TRP A 422 2.19 -8.82 -0.38
CA TRP A 422 2.54 -7.71 0.51
C TRP A 422 3.66 -6.84 -0.03
N THR A 423 4.30 -7.22 -1.13
CA THR A 423 5.30 -6.35 -1.73
C THR A 423 4.69 -5.22 -2.55
N GLY A 424 3.47 -5.42 -3.07
CA GLY A 424 2.86 -4.31 -3.79
C GLY A 424 3.55 -4.06 -5.12
N SER A 425 3.39 -2.84 -5.66
CA SER A 425 2.56 -1.77 -5.12
C SER A 425 1.05 -2.09 -5.13
N LYS A 426 0.24 -1.19 -4.55
CA LYS A 426 -1.19 -1.44 -4.48
C LYS A 426 -1.80 -1.57 -5.87
N LEU A 427 -1.44 -0.67 -6.78
CA LEU A 427 -1.96 -0.77 -8.14
C LEU A 427 -1.41 -1.99 -8.86
N PHE A 428 -0.13 -2.31 -8.64
CA PHE A 428 0.42 -3.52 -9.21
C PHE A 428 -0.40 -4.74 -8.80
N GLN A 429 -0.74 -4.81 -7.51
CA GLN A 429 -1.49 -5.97 -7.00
C GLN A 429 -2.88 -6.05 -7.61
N ARG A 430 -3.58 -4.91 -7.69
CA ARG A 430 -4.91 -4.91 -8.29
C ARG A 430 -4.84 -5.35 -9.75
N GLU A 431 -3.85 -4.85 -10.49
CA GLU A 431 -3.73 -5.20 -11.90
C GLU A 431 -3.35 -6.66 -12.07
N LEU A 432 -2.48 -7.17 -11.21
CA LEU A 432 -2.08 -8.58 -11.27
C LEU A 432 -3.25 -9.51 -10.98
N ARG A 433 -4.02 -9.21 -9.94
CA ARG A 433 -5.17 -10.05 -9.63
C ARG A 433 -6.25 -9.94 -10.69
N ARG A 434 -6.47 -8.73 -11.22
CA ARG A 434 -7.42 -8.58 -12.33
C ARG A 434 -6.96 -9.38 -13.54
N PHE A 435 -5.68 -9.29 -13.89
CA PHE A 435 -5.15 -10.05 -15.00
C PHE A 435 -5.34 -11.55 -14.78
N SER A 436 -5.02 -12.02 -13.58
CA SER A 436 -5.17 -13.44 -13.26
C SER A 436 -6.59 -13.92 -13.51
N ARG A 437 -7.57 -13.19 -12.98
CA ARG A 437 -8.96 -13.62 -13.09
C ARG A 437 -9.50 -13.41 -14.50
N LYS A 438 -9.32 -12.21 -15.06
CA LYS A 438 -9.98 -11.90 -16.33
C LYS A 438 -9.27 -12.50 -17.53
N GLU A 439 -7.93 -12.59 -17.50
CA GLU A 439 -7.20 -13.10 -18.65
C GLU A 439 -6.86 -14.59 -18.52
N LYS A 440 -6.70 -15.11 -17.31
CA LYS A 440 -6.31 -16.50 -17.14
C LYS A 440 -7.34 -17.35 -16.43
N GLY A 441 -8.42 -16.77 -15.93
CA GLY A 441 -9.43 -17.58 -15.26
C GLY A 441 -8.99 -18.15 -13.94
N LEU A 442 -7.99 -17.56 -13.30
CA LEU A 442 -7.44 -18.03 -12.04
C LEU A 442 -7.62 -16.97 -10.98
N TRP A 443 -7.91 -17.39 -9.76
CA TRP A 443 -8.19 -16.47 -8.66
C TRP A 443 -6.96 -16.35 -7.77
N LEU A 444 -6.38 -15.16 -7.70
CA LEU A 444 -5.15 -14.91 -6.98
C LEU A 444 -5.43 -14.11 -5.72
N ASN A 445 -4.81 -14.51 -4.61
CA ASN A 445 -4.74 -13.67 -3.43
C ASN A 445 -3.41 -13.97 -2.73
N SER A 446 -3.27 -13.50 -1.50
CA SER A 446 -2.01 -13.67 -0.78
C SER A 446 -1.86 -15.07 -0.17
N HIS A 447 -2.85 -15.94 -0.36
CA HIS A 447 -2.76 -17.33 0.10
C HIS A 447 -2.40 -18.30 -1.00
N GLY A 448 -2.73 -18.00 -2.25
CA GLY A 448 -2.51 -18.97 -3.30
C GLY A 448 -3.14 -18.54 -4.62
N LEU A 449 -3.10 -19.44 -5.58
CA LEU A 449 -3.63 -19.21 -6.92
C LEU A 449 -4.55 -20.36 -7.26
N PHE A 450 -5.86 -20.07 -7.34
CA PHE A 450 -6.89 -21.09 -7.39
C PHE A 450 -7.46 -21.25 -8.79
N ASP A 451 -7.56 -22.49 -9.26
CA ASP A 451 -8.21 -22.82 -10.53
C ASP A 451 -9.63 -23.25 -10.23
N PRO A 452 -10.64 -22.41 -10.46
CA PRO A 452 -12.00 -22.77 -10.04
C PRO A 452 -12.61 -23.88 -10.88
N GLU A 453 -12.07 -24.18 -12.05
CA GLU A 453 -12.57 -25.31 -12.83
C GLU A 453 -12.06 -26.64 -12.28
N GLN A 454 -10.74 -26.77 -12.12
CA GLN A 454 -10.16 -27.97 -11.53
C GLN A 454 -10.29 -28.01 -10.02
N LYS A 455 -10.66 -26.89 -9.38
CA LYS A 455 -10.76 -26.81 -7.92
C LYS A 455 -9.42 -27.16 -7.25
N THR A 456 -8.33 -26.66 -7.82
CA THR A 456 -7.00 -26.95 -7.30
C THR A 456 -6.23 -25.66 -7.10
N PHE A 457 -5.28 -25.70 -6.17
CA PHE A 457 -4.35 -24.60 -5.93
C PHE A 457 -3.02 -24.90 -6.59
N PHE A 458 -2.40 -23.86 -7.15
CA PHE A 458 -1.09 -23.97 -7.77
C PHE A 458 -0.02 -23.90 -6.70
N GLN A 459 0.82 -24.94 -6.62
CA GLN A 459 1.86 -25.00 -5.60
C GLN A 459 3.10 -24.30 -6.15
N ALA A 460 3.34 -23.08 -5.69
CA ALA A 460 4.46 -22.28 -6.14
C ALA A 460 5.58 -22.33 -5.11
N ALA A 461 6.82 -22.36 -5.60
CA ALA A 461 7.99 -22.33 -4.73
C ALA A 461 8.66 -20.95 -4.71
N SER A 462 8.26 -20.05 -5.59
CA SER A 462 8.90 -18.75 -5.72
C SER A 462 7.93 -17.79 -6.39
N GLU A 463 8.20 -16.49 -6.26
CA GLU A 463 7.46 -15.50 -7.02
C GLU A 463 7.58 -15.75 -8.51
N GLU A 464 8.78 -16.09 -8.98
CA GLU A 464 8.99 -16.40 -10.39
C GLU A 464 8.04 -17.48 -10.87
N ASP A 465 7.80 -18.50 -10.03
CA ASP A 465 6.85 -19.57 -10.37
C ASP A 465 5.46 -19.01 -10.66
N ILE A 466 5.04 -18.00 -9.90
CA ILE A 466 3.69 -17.46 -10.05
C ILE A 466 3.58 -16.67 -11.35
N PHE A 467 4.53 -15.77 -11.58
CA PHE A 467 4.56 -15.03 -12.84
C PHE A 467 4.52 -15.99 -14.03
N ARG A 468 5.38 -17.00 -14.01
CA ARG A 468 5.46 -17.95 -15.12
C ARG A 468 4.13 -18.67 -15.33
N HIS A 469 3.49 -19.11 -14.24
CA HIS A 469 2.22 -19.81 -14.38
C HIS A 469 1.14 -18.91 -14.97
N LEU A 470 1.24 -17.60 -14.74
CA LEU A 470 0.32 -16.63 -15.31
C LEU A 470 0.73 -16.17 -16.70
N GLY A 471 1.84 -16.68 -17.23
CA GLY A 471 2.29 -16.28 -18.55
C GLY A 471 2.91 -14.90 -18.60
N LEU A 472 3.40 -14.40 -17.47
CA LEU A 472 3.98 -13.06 -17.38
C LEU A 472 5.49 -13.14 -17.24
N GLU A 473 6.17 -12.21 -17.91
CA GLU A 473 7.60 -12.04 -17.66
C GLU A 473 7.80 -11.64 -16.21
N TYR A 474 8.84 -12.20 -15.60
CA TYR A 474 9.08 -11.92 -14.19
C TYR A 474 9.45 -10.45 -14.00
N LEU A 475 8.84 -9.82 -13.01
CA LEU A 475 9.23 -8.47 -12.60
C LEU A 475 9.83 -8.54 -11.20
N PRO A 476 11.09 -8.16 -11.02
CA PRO A 476 11.64 -8.03 -9.67
C PRO A 476 10.89 -6.96 -8.90
N PRO A 477 10.97 -6.96 -7.57
CA PRO A 477 10.15 -5.99 -6.81
C PRO A 477 10.40 -4.53 -7.18
N GLU A 478 11.64 -4.18 -7.53
CA GLU A 478 11.95 -2.80 -7.89
C GLU A 478 11.28 -2.37 -9.19
N GLN A 479 10.70 -3.29 -9.95
CA GLN A 479 9.96 -2.97 -11.17
C GLN A 479 8.45 -3.07 -10.99
N ARG A 480 7.96 -3.19 -9.76
CA ARG A 480 6.54 -3.29 -9.48
C ARG A 480 5.96 -1.99 -8.90
N ASN A 481 6.53 -0.85 -9.27
CA ASN A 481 6.11 0.44 -8.73
C ASN A 481 5.00 1.08 -9.54
N ALA A 482 4.00 0.32 -9.96
CA ALA A 482 2.90 0.85 -10.74
C ALA A 482 2.13 1.92 -9.95
#